data_3T1Q
#
_entry.id   3T1Q
#
_cell.length_a   105.500
_cell.length_b   175.100
_cell.length_c   69.100
_cell.angle_alpha   90.00
_cell.angle_beta   90.00
_cell.angle_gamma   90.00
#
_symmetry.space_group_name_H-M   'C 2 2 21'
#
loop_
_entity.id
_entity.type
_entity.pdbx_description
1 polymer 'Gliding protein mglA'
2 polymer 'Gliding protein MglB'
3 non-polymer 'PHOSPHOAMINOPHOSPHONIC ACID-GUANYLATE ESTER'
4 non-polymer 'MAGNESIUM ION'
5 water water
#
loop_
_entity_poly.entity_id
_entity_poly.type
_entity_poly.pdbx_seq_one_letter_code
_entity_poly.pdbx_strand_id
1 'polypeptide(L)'
;GSMSTINFANREINFKIVYYGPGLSGKTTNLKWIYSKVPEGRKGEMVSLATEDERTLFFDFLPLDIGEVKGFKTRFHLYT
VPGQVFYNASRKLILRGVDGIVFVADSAPNRLRANAESMRNMRENLAEYGLTLDDVPIVIQVNKRDLPDALPVEMVRAVV
DPEGKFPVLEAVATEGKGVFETLKEVSRLVLARVAGGS
;
A
2 'polypeptide(L)'
;GSLVLYGAPYAAAVEVLEETLRETGARYALLIDRKGFVLAHKEALWAPKPPPLDTLATLVASNAAATQALAKLLGEARFQ
EEVHQGERMGLYVDEAGEHALLVLVFDETAPLGKVKLHGKAAAAALAAIAEEALAN
;
B,C
#
loop_
_chem_comp.id
_chem_comp.type
_chem_comp.name
_chem_comp.formula
GNP non-polymer 'PHOSPHOAMINOPHOSPHONIC ACID-GUANYLATE ESTER' 'C10 H17 N6 O13 P3'
MG non-polymer 'MAGNESIUM ION' 'Mg 2'
#
# COMPACT_ATOMS: atom_id res chain seq x y z
N ARG A 11 19.60 12.41 16.14
CA ARG A 11 18.16 12.57 16.51
C ARG A 11 17.41 11.21 16.47
N GLU A 12 17.10 10.73 15.25
CA GLU A 12 16.24 9.52 15.07
C GLU A 12 16.63 8.45 14.00
N ILE A 13 16.82 7.22 14.48
CA ILE A 13 16.91 6.05 13.61
C ILE A 13 15.53 5.44 13.44
N ASN A 14 15.17 5.11 12.19
CA ASN A 14 13.88 4.44 11.88
C ASN A 14 13.99 2.93 11.61
N PHE A 15 13.11 2.16 12.20
CA PHE A 15 13.01 0.73 11.86
C PHE A 15 11.66 0.27 11.45
N LYS A 16 11.65 -0.58 10.41
CA LYS A 16 10.45 -1.26 9.92
C LYS A 16 10.23 -2.72 10.43
N ILE A 17 9.14 -2.96 11.15
CA ILE A 17 8.81 -4.31 11.59
C ILE A 17 7.57 -4.81 10.86
N VAL A 18 7.61 -6.01 10.29
CA VAL A 18 6.42 -6.56 9.64
C VAL A 18 5.85 -7.78 10.37
N TYR A 19 4.54 -7.85 10.45
CA TYR A 19 3.83 -8.99 10.97
C TYR A 19 3.29 -9.82 9.82
N TYR A 20 3.71 -11.08 9.76
CA TYR A 20 3.48 -12.01 8.68
C TYR A 20 2.73 -13.23 9.20
N GLY A 21 2.13 -14.02 8.29
CA GLY A 21 1.43 -15.22 8.70
C GLY A 21 0.07 -15.33 8.07
N PRO A 22 -0.54 -16.56 8.14
CA PRO A 22 -1.77 -16.93 7.42
C PRO A 22 -2.95 -16.13 7.83
N GLY A 23 -4.00 -16.21 7.02
CA GLY A 23 -5.25 -15.50 7.32
C GLY A 23 -5.72 -15.82 8.73
N LEU A 24 -6.28 -14.81 9.40
CA LEU A 24 -6.87 -15.01 10.71
C LEU A 24 -5.91 -15.49 11.84
N SER A 25 -4.59 -15.38 11.68
CA SER A 25 -3.73 -15.90 12.75
C SER A 25 -3.60 -14.92 13.93
N GLY A 26 -4.06 -13.68 13.71
CA GLY A 26 -4.05 -12.65 14.73
C GLY A 26 -3.07 -11.52 14.50
N LYS A 27 -2.64 -11.32 13.24
CA LYS A 27 -1.67 -10.25 12.97
C LYS A 27 -2.18 -8.87 13.36
N THR A 28 -3.36 -8.48 12.88
CA THR A 28 -3.98 -7.21 13.24
C THR A 28 -4.24 -7.12 14.73
N THR A 29 -4.61 -8.21 15.38
CA THR A 29 -4.93 -8.15 16.84
C THR A 29 -3.73 -7.73 17.66
N ASN A 30 -2.53 -8.16 17.27
CA ASN A 30 -1.33 -7.73 17.94
C ASN A 30 -1.23 -6.25 17.88
N LEU A 31 -1.53 -5.62 16.75
CA LEU A 31 -1.34 -4.14 16.73
C LEU A 31 -2.39 -3.46 17.60
N LYS A 32 -3.60 -4.00 17.61
CA LYS A 32 -4.70 -3.41 18.34
C LYS A 32 -4.42 -3.39 19.83
N TRP A 33 -3.83 -4.48 20.32
CA TRP A 33 -3.43 -4.55 21.72
C TRP A 33 -2.38 -3.50 22.05
N ILE A 34 -1.28 -3.55 21.29
CA ILE A 34 -0.16 -2.71 21.50
C ILE A 34 -0.59 -1.29 21.55
N TYR A 35 -1.47 -0.92 20.62
CA TYR A 35 -1.98 0.44 20.54
C TYR A 35 -2.77 0.80 21.79
N SER A 36 -3.47 -0.15 22.36
CA SER A 36 -4.36 0.20 23.45
C SER A 36 -3.63 0.40 24.80
N LYS A 37 -2.34 0.05 24.86
CA LYS A 37 -1.51 0.07 26.09
C LYS A 37 -0.29 1.04 26.06
N VAL A 38 0.14 1.43 24.87
CA VAL A 38 1.22 2.42 24.78
C VAL A 38 0.57 3.78 25.09
N PRO A 39 1.18 4.52 26.01
CA PRO A 39 0.67 5.83 26.28
C PRO A 39 0.74 6.77 25.06
N GLU A 40 -0.30 7.60 24.91
CA GLU A 40 -0.19 8.80 24.10
C GLU A 40 1.11 9.51 24.51
N GLY A 41 1.96 9.71 23.52
CA GLY A 41 3.20 10.47 23.68
C GLY A 41 4.27 9.58 23.12
N ARG A 42 3.98 8.28 23.06
CA ARG A 42 4.94 7.28 22.58
C ARG A 42 4.37 6.55 21.34
N LYS A 43 3.24 7.07 20.86
CA LYS A 43 2.57 6.51 19.69
C LYS A 43 1.92 7.59 18.83
N GLY A 44 1.92 7.33 17.52
CA GLY A 44 0.96 7.87 16.60
C GLY A 44 -0.28 6.98 16.41
N GLU A 45 -1.18 7.49 15.57
CA GLU A 45 -2.47 6.92 15.23
C GLU A 45 -2.32 5.62 14.43
N MET A 46 -3.18 4.64 14.65
CA MET A 46 -3.14 3.39 13.88
C MET A 46 -3.92 3.46 12.55
N VAL A 47 -3.36 2.89 11.49
CA VAL A 47 -4.02 2.94 10.19
C VAL A 47 -4.35 1.52 9.72
N SER A 48 -5.59 1.30 9.30
CA SER A 48 -5.99 0.00 8.78
C SER A 48 -6.72 0.11 7.43
N LEU A 49 -6.20 -0.56 6.40
CA LEU A 49 -6.95 -0.75 5.13
C LEU A 49 -7.47 -2.20 5.06
N ALA A 50 -8.71 -2.34 5.45
CA ALA A 50 -9.32 -3.65 5.65
C ALA A 50 -10.59 -3.69 4.86
N THR A 51 -10.99 -4.87 4.44
CA THR A 51 -12.28 -5.04 3.78
C THR A 51 -13.40 -4.86 4.78
N GLU A 52 -14.58 -4.89 4.22
CA GLU A 52 -15.84 -4.86 4.96
C GLU A 52 -15.92 -5.86 6.17
N ASP A 53 -15.25 -7.01 6.10
CA ASP A 53 -15.27 -8.03 7.15
C ASP A 53 -14.08 -7.93 8.12
N GLU A 54 -13.47 -6.76 8.09
CA GLU A 54 -12.24 -6.51 8.85
C GLU A 54 -11.10 -7.50 8.59
N ARG A 55 -11.09 -8.16 7.43
CA ARG A 55 -9.86 -8.85 6.98
C ARG A 55 -8.99 -7.77 6.32
N THR A 56 -7.74 -7.74 6.70
CA THR A 56 -6.85 -6.74 6.16
C THR A 56 -6.66 -6.91 4.66
N LEU A 57 -6.85 -5.81 3.93
CA LEU A 57 -6.77 -5.79 2.45
C LEU A 57 -5.40 -5.34 1.92
N PHE A 58 -4.89 -4.22 2.43
CA PHE A 58 -3.56 -3.75 2.07
C PHE A 58 -2.55 -3.95 3.26
N PHE A 59 -2.81 -3.32 4.42
CA PHE A 59 -1.91 -3.43 5.60
C PHE A 59 -2.48 -2.70 6.83
N ASP A 60 -1.93 -2.99 8.01
CA ASP A 60 -2.10 -2.12 9.17
C ASP A 60 -0.80 -1.36 9.33
N PHE A 61 -0.83 -0.19 9.95
CA PHE A 61 0.40 0.58 10.29
C PHE A 61 0.23 1.27 11.67
N LEU A 62 1.21 1.12 12.55
CA LEU A 62 1.22 1.73 13.90
C LEU A 62 2.60 2.26 14.21
N PRO A 63 2.79 3.60 14.30
CA PRO A 63 4.17 4.01 14.58
C PRO A 63 4.43 4.22 16.10
N LEU A 64 5.62 3.87 16.60
CA LEU A 64 5.86 3.99 18.03
CA LEU A 64 5.91 3.79 18.05
C LEU A 64 7.31 4.32 18.46
N ASP A 65 7.42 4.92 19.66
CA ASP A 65 8.71 5.21 20.35
C ASP A 65 9.25 4.06 21.20
N ILE A 66 10.58 3.83 21.10
CA ILE A 66 11.39 3.10 22.11
C ILE A 66 12.93 3.16 21.87
N LYS A 73 17.33 8.43 19.70
CA LYS A 73 15.88 8.29 19.49
C LYS A 73 15.54 7.22 18.40
N THR A 74 15.02 6.09 18.87
CA THR A 74 14.65 4.94 18.02
C THR A 74 13.13 4.83 17.78
N ARG A 75 12.70 5.12 16.53
CA ARG A 75 11.30 4.95 16.01
C ARG A 75 10.99 3.63 15.28
N PHE A 76 10.04 2.87 15.82
CA PHE A 76 9.56 1.63 15.18
C PHE A 76 8.26 1.80 14.38
N HIS A 77 8.32 1.46 13.10
CA HIS A 77 7.14 1.38 12.27
C HIS A 77 6.64 -0.06 12.18
N LEU A 78 5.54 -0.37 12.86
CA LEU A 78 4.96 -1.69 12.74
C LEU A 78 3.86 -1.80 11.66
N TYR A 79 3.95 -2.85 10.84
CA TYR A 79 2.95 -3.20 9.82
C TYR A 79 2.50 -4.63 9.93
N THR A 80 1.29 -4.84 9.44
CA THR A 80 0.66 -6.12 9.26
C THR A 80 0.44 -6.21 7.78
N VAL A 81 0.40 -7.43 7.30
CA VAL A 81 0.28 -7.79 5.91
C VAL A 81 -1.06 -8.52 5.78
N PRO A 82 -1.74 -8.47 4.61
CA PRO A 82 -2.96 -9.29 4.53
C PRO A 82 -2.61 -10.79 4.32
N GLY A 83 -3.16 -11.66 5.15
CA GLY A 83 -2.78 -13.06 5.14
C GLY A 83 -3.41 -13.97 4.10
N GLN A 84 -4.57 -13.58 3.56
CA GLN A 84 -5.31 -14.41 2.63
C GLN A 84 -4.47 -14.63 1.41
N VAL A 85 -4.52 -15.86 0.88
CA VAL A 85 -3.50 -16.32 -0.09
C VAL A 85 -3.52 -15.46 -1.33
N PHE A 86 -4.71 -15.07 -1.77
CA PHE A 86 -4.88 -14.30 -3.00
C PHE A 86 -4.56 -12.81 -2.89
N TYR A 87 -4.05 -12.38 -1.73
CA TYR A 87 -3.55 -10.99 -1.61
C TYR A 87 -2.02 -10.91 -1.69
N ASN A 88 -1.40 -11.94 -2.25
CA ASN A 88 0.05 -11.96 -2.33
C ASN A 88 0.73 -10.68 -2.89
N ALA A 89 0.10 -10.06 -3.89
CA ALA A 89 0.74 -8.91 -4.53
C ALA A 89 0.92 -7.72 -3.60
N SER A 90 0.01 -7.56 -2.64
CA SER A 90 0.19 -6.50 -1.66
C SER A 90 1.14 -6.88 -0.52
N ARG A 91 1.02 -8.14 -0.01
CA ARG A 91 2.02 -8.76 0.87
C ARG A 91 3.44 -8.50 0.43
N LYS A 92 3.76 -8.73 -0.86
CA LYS A 92 5.10 -8.52 -1.38
C LYS A 92 5.59 -7.13 -1.04
N LEU A 93 4.75 -6.13 -1.31
CA LEU A 93 5.12 -4.73 -1.22
C LEU A 93 5.45 -4.34 0.19
N ILE A 94 4.59 -4.78 1.12
CA ILE A 94 4.76 -4.52 2.53
C ILE A 94 6.08 -5.04 3.14
N LEU A 95 6.74 -6.02 2.52
CA LEU A 95 8.03 -6.46 3.04
C LEU A 95 9.21 -5.57 2.64
N ARG A 96 9.01 -4.66 1.68
CA ARG A 96 10.07 -3.78 1.22
C ARG A 96 10.75 -3.04 2.35
N GLY A 97 12.06 -3.25 2.44
CA GLY A 97 12.88 -2.62 3.44
C GLY A 97 12.72 -3.18 4.83
N VAL A 98 11.95 -4.25 5.01
CA VAL A 98 11.76 -4.76 6.37
C VAL A 98 13.10 -4.97 7.13
N ASP A 99 13.13 -4.68 8.42
CA ASP A 99 14.31 -4.87 9.23
C ASP A 99 14.13 -6.04 10.20
N GLY A 100 12.89 -6.34 10.57
CA GLY A 100 12.65 -7.44 11.49
C GLY A 100 11.25 -8.01 11.26
N ILE A 101 11.07 -9.32 11.50
CA ILE A 101 9.79 -9.90 11.23
C ILE A 101 9.19 -10.65 12.40
N VAL A 102 7.90 -10.43 12.64
CA VAL A 102 7.18 -11.27 13.56
C VAL A 102 6.29 -12.21 12.73
N PHE A 103 6.57 -13.51 12.78
CA PHE A 103 5.70 -14.47 12.13
C PHE A 103 4.67 -15.01 13.09
N VAL A 104 3.42 -14.63 12.91
CA VAL A 104 2.37 -15.02 13.86
C VAL A 104 1.69 -16.29 13.36
N ALA A 105 2.00 -17.44 13.98
CA ALA A 105 1.38 -18.72 13.57
C ALA A 105 0.09 -19.05 14.35
N ASP A 106 -0.85 -19.76 13.72
CA ASP A 106 -2.09 -20.11 14.36
C ASP A 106 -1.96 -21.42 15.10
N SER A 107 -2.72 -21.57 16.19
CA SER A 107 -2.60 -22.74 17.02
C SER A 107 -3.65 -23.81 16.70
N ALA A 108 -4.59 -23.48 15.82
CA ALA A 108 -5.68 -24.40 15.55
C ALA A 108 -5.22 -25.60 14.73
N PRO A 109 -5.68 -26.82 15.12
CA PRO A 109 -5.34 -28.01 14.33
C PRO A 109 -5.54 -27.77 12.81
N ASN A 110 -6.75 -27.37 12.43
CA ASN A 110 -7.12 -27.16 11.01
C ASN A 110 -6.38 -26.02 10.28
N ARG A 111 -5.48 -25.30 10.98
CA ARG A 111 -4.75 -24.23 10.34
C ARG A 111 -3.23 -24.52 10.24
N LEU A 112 -2.81 -25.73 10.61
CA LEU A 112 -1.39 -26.03 10.61
C LEU A 112 -0.72 -25.89 9.22
N ARG A 113 -1.37 -26.44 8.21
CA ARG A 113 -0.90 -26.34 6.87
C ARG A 113 -0.91 -24.87 6.41
N ALA A 114 -1.98 -24.14 6.69
CA ALA A 114 -1.98 -22.73 6.41
C ALA A 114 -0.68 -22.03 6.89
N ASN A 115 -0.19 -22.46 8.07
CA ASN A 115 1.03 -21.94 8.66
C ASN A 115 2.20 -22.15 7.79
N ALA A 116 2.35 -23.38 7.33
CA ALA A 116 3.49 -23.80 6.55
C ALA A 116 3.49 -23.09 5.17
N GLU A 117 2.30 -22.95 4.57
CA GLU A 117 2.21 -22.29 3.27
C GLU A 117 2.65 -20.85 3.34
N SER A 118 2.18 -20.17 4.40
CA SER A 118 2.58 -18.81 4.69
C SER A 118 4.09 -18.70 4.92
N MET A 119 4.70 -19.68 5.58
CA MET A 119 6.13 -19.60 5.77
C MET A 119 6.85 -19.77 4.42
N ARG A 120 6.42 -20.73 3.62
CA ARG A 120 7.01 -20.99 2.32
C ARG A 120 6.82 -19.73 1.43
N ASN A 121 5.67 -19.09 1.61
CA ASN A 121 5.35 -17.87 0.96
C ASN A 121 6.29 -16.74 1.39
N MET A 122 6.66 -16.70 2.66
CA MET A 122 7.56 -15.65 3.15
C MET A 122 8.99 -15.80 2.63
N ARG A 123 9.52 -17.01 2.59
CA ARG A 123 10.76 -17.28 1.92
C ARG A 123 10.67 -16.91 0.41
N GLU A 124 9.62 -17.35 -0.29
CA GLU A 124 9.48 -16.98 -1.71
C GLU A 124 9.55 -15.45 -1.89
N ASN A 125 8.75 -14.67 -1.15
CA ASN A 125 8.74 -13.20 -1.26
C ASN A 125 10.09 -12.47 -0.94
N LEU A 126 10.80 -12.94 0.10
CA LEU A 126 12.09 -12.38 0.48
C LEU A 126 13.16 -12.62 -0.57
N ALA A 127 13.04 -13.76 -1.26
CA ALA A 127 13.98 -14.20 -2.28
C ALA A 127 13.89 -13.30 -3.53
N GLU A 128 12.73 -12.68 -3.74
CA GLU A 128 12.56 -11.67 -4.78
C GLU A 128 13.30 -10.39 -4.41
N TYR A 129 13.51 -10.16 -3.12
CA TYR A 129 14.36 -9.07 -2.76
C TYR A 129 15.86 -9.49 -2.70
N GLY A 130 16.19 -10.75 -2.97
CA GLY A 130 17.57 -11.21 -2.74
C GLY A 130 17.92 -11.47 -1.28
N LEU A 131 16.92 -11.82 -0.49
CA LEU A 131 17.11 -12.04 0.94
C LEU A 131 16.72 -13.49 1.31
N THR A 132 17.44 -14.07 2.26
CA THR A 132 17.16 -15.41 2.73
C THR A 132 16.57 -15.22 4.09
N LEU A 133 16.08 -16.29 4.72
CA LEU A 133 15.59 -16.24 6.09
C LEU A 133 16.70 -16.05 7.11
N ASP A 134 17.96 -16.08 6.65
CA ASP A 134 19.13 -15.82 7.48
C ASP A 134 19.40 -14.32 7.56
N ASP A 135 18.99 -13.58 6.52
CA ASP A 135 19.30 -12.16 6.39
C ASP A 135 18.47 -11.19 7.25
N VAL A 136 17.28 -11.59 7.69
CA VAL A 136 16.37 -10.73 8.49
C VAL A 136 16.07 -11.42 9.82
N PRO A 137 16.22 -10.74 10.98
CA PRO A 137 15.79 -11.39 12.20
C PRO A 137 14.31 -11.76 12.18
N ILE A 138 13.97 -12.93 12.72
CA ILE A 138 12.62 -13.45 12.66
C ILE A 138 12.24 -14.05 14.01
N VAL A 139 11.03 -13.76 14.48
CA VAL A 139 10.60 -14.21 15.77
C VAL A 139 9.31 -14.96 15.57
N ILE A 140 9.23 -16.21 16.02
CA ILE A 140 8.01 -16.96 15.81
C ILE A 140 7.10 -16.70 16.99
N GLN A 141 5.86 -16.24 16.71
CA GLN A 141 4.82 -16.21 17.74
C GLN A 141 3.79 -17.29 17.50
N VAL A 142 3.68 -18.26 18.41
CA VAL A 142 2.57 -19.21 18.33
C VAL A 142 1.40 -18.58 19.08
N ASN A 143 0.45 -18.02 18.36
CA ASN A 143 -0.67 -17.28 18.95
C ASN A 143 -1.85 -18.20 19.15
N LYS A 144 -2.92 -17.70 19.76
CA LYS A 144 -4.15 -18.47 20.08
C LYS A 144 -4.04 -19.70 21.03
N ARG A 145 -3.13 -19.66 22.01
CA ARG A 145 -2.97 -20.72 23.05
C ARG A 145 -4.19 -21.01 23.96
N ASP A 146 -5.20 -20.14 23.92
CA ASP A 146 -6.44 -20.39 24.66
C ASP A 146 -7.38 -21.41 24.00
N LEU A 147 -7.22 -21.65 22.70
CA LEU A 147 -8.11 -22.60 22.02
C LEU A 147 -8.13 -23.97 22.72
N PRO A 148 -9.34 -24.50 22.95
CA PRO A 148 -9.53 -25.86 23.48
C PRO A 148 -8.62 -26.88 22.80
N ASP A 149 -8.70 -26.98 21.46
CA ASP A 149 -7.86 -27.93 20.70
C ASP A 149 -6.44 -27.45 20.30
N ALA A 150 -5.91 -26.42 20.94
CA ALA A 150 -4.59 -25.89 20.62
C ALA A 150 -3.55 -27.00 20.37
N LEU A 151 -2.88 -26.97 19.22
CA LEU A 151 -1.81 -27.96 19.00
C LEU A 151 -0.66 -27.74 19.96
N PRO A 152 0.01 -28.81 20.38
CA PRO A 152 1.23 -28.50 21.13
C PRO A 152 2.15 -27.49 20.41
N VAL A 153 2.76 -26.62 21.19
CA VAL A 153 3.67 -25.62 20.67
C VAL A 153 4.80 -26.15 19.79
N GLU A 154 5.47 -27.24 20.18
CA GLU A 154 6.65 -27.69 19.43
C GLU A 154 6.26 -28.36 18.08
N MET A 155 5.03 -28.87 18.00
CA MET A 155 4.47 -29.37 16.75
C MET A 155 4.34 -28.18 15.77
N VAL A 156 3.53 -27.19 16.14
CA VAL A 156 3.44 -25.98 15.33
C VAL A 156 4.82 -25.42 15.01
N ARG A 157 5.72 -25.49 15.97
CA ARG A 157 7.03 -24.91 15.76
C ARG A 157 7.83 -25.75 14.78
N ALA A 158 7.63 -27.07 14.83
CA ALA A 158 8.41 -28.00 13.99
C ALA A 158 8.08 -27.77 12.51
N VAL A 159 6.81 -27.39 12.26
CA VAL A 159 6.32 -27.13 10.91
C VAL A 159 6.93 -25.85 10.31
N VAL A 160 6.89 -24.78 11.08
CA VAL A 160 7.37 -23.50 10.63
C VAL A 160 8.92 -23.36 10.75
N ASP A 161 9.47 -23.72 11.91
CA ASP A 161 10.90 -23.55 12.11
C ASP A 161 11.45 -24.98 12.39
N PRO A 162 11.62 -25.76 11.30
CA PRO A 162 12.07 -27.17 11.39
C PRO A 162 13.43 -27.27 12.14
N GLU A 163 14.30 -26.27 11.99
CA GLU A 163 15.59 -26.37 12.64
C GLU A 163 15.67 -25.61 13.97
N GLY A 164 14.54 -25.16 14.52
CA GLY A 164 14.60 -24.35 15.75
C GLY A 164 15.51 -23.11 15.68
N LYS A 165 15.80 -22.59 14.48
CA LYS A 165 16.72 -21.44 14.45
C LYS A 165 16.11 -20.05 14.81
N PHE A 166 14.83 -19.99 15.17
CA PHE A 166 14.19 -18.72 15.48
C PHE A 166 13.62 -18.73 16.88
N PRO A 167 13.72 -17.61 17.61
CA PRO A 167 13.09 -17.58 18.96
C PRO A 167 11.60 -17.89 18.88
N VAL A 168 11.02 -18.47 19.94
CA VAL A 168 9.58 -18.78 19.96
C VAL A 168 8.89 -18.10 21.13
N LEU A 169 7.70 -17.55 20.93
CA LEU A 169 6.94 -17.09 22.07
C LEU A 169 5.48 -17.47 21.96
N GLU A 170 4.84 -17.75 23.08
CA GLU A 170 3.46 -18.20 23.05
C GLU A 170 2.65 -16.96 23.28
N ALA A 171 1.40 -16.95 22.83
CA ALA A 171 0.59 -15.74 22.88
C ALA A 171 -0.85 -16.07 22.88
N VAL A 172 -1.63 -15.17 23.46
CA VAL A 172 -3.06 -15.08 23.27
C VAL A 172 -3.25 -13.63 23.04
N ALA A 173 -3.29 -13.23 21.78
CA ALA A 173 -3.15 -11.82 21.51
C ALA A 173 -4.43 -11.08 21.79
N THR A 174 -5.55 -11.79 21.90
CA THR A 174 -6.82 -11.15 22.24
C THR A 174 -6.84 -10.69 23.66
N GLU A 175 -5.91 -11.20 24.49
CA GLU A 175 -5.82 -10.87 25.95
C GLU A 175 -4.52 -10.17 26.35
N GLY A 176 -3.63 -9.97 25.39
CA GLY A 176 -2.36 -9.27 25.62
C GLY A 176 -1.19 -10.20 25.88
N LYS A 177 -1.49 -11.46 26.19
CA LYS A 177 -0.46 -12.41 26.63
C LYS A 177 0.52 -12.65 25.51
N GLY A 178 1.79 -12.33 25.72
CA GLY A 178 2.84 -12.53 24.75
C GLY A 178 3.04 -11.36 23.79
N VAL A 179 2.01 -10.53 23.63
CA VAL A 179 2.10 -9.42 22.66
C VAL A 179 3.35 -8.60 22.84
N PHE A 180 3.55 -8.00 24.01
CA PHE A 180 4.75 -7.16 24.19
C PHE A 180 6.09 -7.90 24.27
N GLU A 181 6.13 -9.11 24.80
CA GLU A 181 7.43 -9.74 24.87
C GLU A 181 7.96 -10.09 23.47
N THR A 182 7.07 -10.60 22.62
CA THR A 182 7.33 -10.80 21.20
C THR A 182 7.88 -9.53 20.56
N LEU A 183 7.20 -8.42 20.82
CA LEU A 183 7.69 -7.13 20.35
C LEU A 183 9.08 -6.78 20.87
N LYS A 184 9.31 -6.94 22.17
CA LYS A 184 10.64 -6.66 22.78
C LYS A 184 11.74 -7.47 22.14
N GLU A 185 11.45 -8.75 21.94
CA GLU A 185 12.41 -9.69 21.38
C GLU A 185 12.83 -9.39 19.95
N VAL A 186 11.86 -9.00 19.12
CA VAL A 186 12.24 -8.67 17.75
C VAL A 186 13.00 -7.34 17.74
N SER A 187 12.56 -6.42 18.60
CA SER A 187 13.29 -5.17 18.86
C SER A 187 14.72 -5.43 19.27
N ARG A 188 14.87 -6.23 20.33
CA ARG A 188 16.19 -6.63 20.81
C ARG A 188 17.08 -7.04 19.63
N LEU A 189 16.57 -7.94 18.79
CA LEU A 189 17.35 -8.47 17.67
C LEU A 189 17.73 -7.48 16.59
N VAL A 190 16.86 -6.49 16.39
CA VAL A 190 17.08 -5.54 15.31
C VAL A 190 18.18 -4.54 15.71
N LEU A 191 18.15 -4.12 16.98
CA LEU A 191 19.19 -3.28 17.58
C LEU A 191 20.55 -4.01 17.61
N ALA A 192 20.53 -5.26 18.09
CA ALA A 192 21.74 -6.08 18.12
C ALA A 192 22.41 -6.20 16.74
N ARG A 193 21.77 -5.72 15.69
CA ARG A 193 22.38 -5.84 14.39
C ARG A 193 22.92 -4.50 13.95
N VAL A 194 22.47 -3.44 14.60
CA VAL A 194 22.71 -2.10 14.07
C VAL A 194 24.13 -1.52 14.33
N LEU B 3 -22.16 -8.68 -3.52
CA LEU B 3 -21.99 -8.51 -5.00
C LEU B 3 -21.40 -9.69 -5.75
N VAL B 4 -22.29 -10.52 -6.32
CA VAL B 4 -21.89 -11.41 -7.42
C VAL B 4 -22.79 -11.10 -8.60
N LEU B 5 -22.17 -11.00 -9.76
CA LEU B 5 -22.88 -10.90 -10.98
C LEU B 5 -23.09 -12.31 -11.46
N TYR B 6 -24.32 -12.62 -11.86
CA TYR B 6 -24.55 -13.84 -12.62
C TYR B 6 -25.65 -13.59 -13.64
N GLY B 7 -26.13 -14.66 -14.27
CA GLY B 7 -27.19 -14.59 -15.25
C GLY B 7 -27.22 -13.31 -16.04
N ALA B 8 -28.41 -12.70 -16.14
CA ALA B 8 -28.65 -11.58 -17.03
C ALA B 8 -27.80 -10.31 -16.69
N PRO B 9 -27.66 -10.01 -15.37
CA PRO B 9 -26.82 -8.91 -14.97
C PRO B 9 -25.40 -9.11 -15.52
N TYR B 10 -24.91 -10.35 -15.42
CA TYR B 10 -23.59 -10.70 -15.94
C TYR B 10 -23.46 -10.47 -17.47
N ALA B 11 -24.47 -10.90 -18.22
CA ALA B 11 -24.47 -10.74 -19.66
C ALA B 11 -24.52 -9.27 -19.95
N ALA B 12 -25.20 -8.53 -19.09
CA ALA B 12 -25.31 -7.09 -19.30
C ALA B 12 -23.91 -6.49 -19.14
N ALA B 13 -23.26 -6.79 -18.01
CA ALA B 13 -21.89 -6.30 -17.76
C ALA B 13 -20.88 -6.65 -18.91
N VAL B 14 -20.95 -7.90 -19.40
CA VAL B 14 -20.08 -8.35 -20.51
C VAL B 14 -20.23 -7.47 -21.77
N GLU B 15 -21.49 -7.08 -22.00
CA GLU B 15 -21.84 -6.36 -23.20
C GLU B 15 -21.31 -4.91 -23.15
N VAL B 16 -21.39 -4.28 -21.97
CA VAL B 16 -20.73 -3.01 -21.74
C VAL B 16 -19.21 -3.07 -21.97
N LEU B 17 -18.55 -4.09 -21.44
CA LEU B 17 -17.08 -4.26 -21.63
C LEU B 17 -16.64 -4.47 -23.09
N GLU B 18 -17.29 -5.38 -23.84
CA GLU B 18 -16.95 -5.58 -25.27
C GLU B 18 -17.08 -4.26 -26.02
N GLU B 19 -18.17 -3.54 -25.74
CA GLU B 19 -18.48 -2.33 -26.51
C GLU B 19 -17.44 -1.27 -26.24
N THR B 20 -17.06 -1.18 -24.95
CA THR B 20 -16.10 -0.20 -24.50
C THR B 20 -14.76 -0.50 -25.13
N LEU B 21 -14.45 -1.78 -25.27
CA LEU B 21 -13.18 -2.21 -25.85
C LEU B 21 -13.09 -1.84 -27.33
N ARG B 22 -14.21 -2.07 -28.06
CA ARG B 22 -14.40 -1.74 -29.51
C ARG B 22 -14.33 -0.23 -29.76
N GLU B 23 -15.05 0.54 -28.94
CA GLU B 23 -15.06 1.99 -29.05
C GLU B 23 -13.73 2.70 -28.71
N THR B 24 -12.85 2.06 -27.88
CA THR B 24 -11.60 2.73 -27.41
C THR B 24 -10.28 2.25 -28.01
N GLY B 25 -10.22 0.97 -28.42
CA GLY B 25 -8.98 0.37 -28.90
C GLY B 25 -8.09 -0.16 -27.77
N ALA B 26 -8.68 -0.35 -26.58
CA ALA B 26 -7.97 -0.88 -25.40
C ALA B 26 -7.76 -2.38 -25.46
N ARG B 27 -6.83 -2.93 -24.70
CA ARG B 27 -6.60 -4.37 -24.74
C ARG B 27 -7.57 -5.14 -23.88
N TYR B 28 -7.70 -4.75 -22.61
CA TYR B 28 -8.48 -5.52 -21.63
C TYR B 28 -9.34 -4.56 -20.82
N ALA B 29 -10.55 -5.00 -20.49
CA ALA B 29 -11.49 -4.24 -19.68
C ALA B 29 -11.95 -5.17 -18.59
N LEU B 30 -11.85 -4.69 -17.33
CA LEU B 30 -12.26 -5.50 -16.17
C LEU B 30 -13.27 -4.82 -15.32
N LEU B 31 -14.15 -5.59 -14.69
CA LEU B 31 -14.97 -5.00 -13.63
C LEU B 31 -14.69 -5.77 -12.33
N ILE B 32 -14.16 -5.04 -11.36
CA ILE B 32 -13.62 -5.69 -10.20
C ILE B 32 -14.34 -5.15 -8.99
N ASP B 33 -14.49 -5.96 -7.94
CA ASP B 33 -15.06 -5.45 -6.69
C ASP B 33 -13.97 -4.79 -5.80
N ARG B 34 -14.36 -4.18 -4.69
CA ARG B 34 -13.41 -3.40 -3.90
C ARG B 34 -12.52 -4.24 -3.01
N LYS B 35 -12.80 -5.55 -2.92
CA LYS B 35 -11.86 -6.55 -2.33
C LYS B 35 -10.85 -7.06 -3.34
N GLY B 36 -10.94 -6.58 -4.58
CA GLY B 36 -10.08 -7.07 -5.69
C GLY B 36 -10.45 -8.32 -6.51
N PHE B 37 -11.63 -8.89 -6.29
CA PHE B 37 -12.15 -10.03 -7.06
CA PHE B 37 -12.06 -10.02 -7.10
C PHE B 37 -12.60 -9.56 -8.45
N VAL B 38 -12.19 -10.25 -9.50
CA VAL B 38 -12.68 -9.92 -10.82
C VAL B 38 -14.12 -10.42 -10.94
N LEU B 39 -15.05 -9.50 -11.21
CA LEU B 39 -16.46 -9.87 -11.43
C LEU B 39 -16.79 -10.26 -12.89
N ALA B 40 -16.06 -9.71 -13.86
CA ALA B 40 -16.24 -9.98 -15.27
C ALA B 40 -15.03 -9.41 -16.04
N HIS B 41 -14.77 -9.87 -17.26
CA HIS B 41 -13.75 -9.25 -18.09
C HIS B 41 -13.69 -9.67 -19.58
N LYS B 42 -13.06 -8.85 -20.42
CA LYS B 42 -12.95 -9.15 -21.83
C LYS B 42 -11.64 -8.67 -22.32
N GLU B 43 -11.16 -9.39 -23.32
CA GLU B 43 -9.89 -9.12 -24.00
C GLU B 43 -10.19 -8.89 -25.47
N ALA B 44 -9.46 -7.98 -26.09
CA ALA B 44 -9.59 -7.77 -27.52
C ALA B 44 -8.92 -8.94 -28.21
N LEU B 45 -9.60 -9.57 -29.16
CA LEU B 45 -9.02 -10.70 -29.93
C LEU B 45 -7.64 -10.41 -30.53
N TRP B 46 -7.38 -9.16 -30.90
CA TRP B 46 -6.10 -8.83 -31.57
C TRP B 46 -4.94 -8.71 -30.59
N ALA B 47 -5.22 -8.67 -29.30
CA ALA B 47 -4.17 -8.33 -28.32
C ALA B 47 -3.48 -9.55 -27.69
N PRO B 48 -2.22 -9.38 -27.19
CA PRO B 48 -1.54 -10.54 -26.52
C PRO B 48 -2.33 -11.07 -25.34
N LYS B 49 -2.04 -12.31 -25.01
CA LYS B 49 -2.34 -12.89 -23.73
C LYS B 49 -2.03 -11.79 -22.69
N PRO B 50 -3.03 -11.43 -21.85
CA PRO B 50 -2.91 -10.40 -20.82
C PRO B 50 -1.84 -10.74 -19.77
N PRO B 51 -1.33 -9.74 -19.04
CA PRO B 51 -0.61 -10.02 -17.81
C PRO B 51 -1.59 -10.60 -16.78
N PRO B 52 -1.11 -11.19 -15.69
CA PRO B 52 -2.19 -11.87 -14.89
C PRO B 52 -3.23 -10.96 -14.19
N LEU B 53 -4.47 -11.08 -14.62
CA LEU B 53 -5.55 -10.23 -14.16
C LEU B 53 -5.97 -10.33 -12.69
N ASP B 54 -5.87 -11.50 -12.08
CA ASP B 54 -6.06 -11.59 -10.63
C ASP B 54 -5.04 -10.70 -9.94
N THR B 55 -3.78 -10.70 -10.38
CA THR B 55 -2.76 -9.86 -9.73
C THR B 55 -3.08 -8.38 -9.91
N LEU B 56 -3.19 -7.97 -11.17
CA LEU B 56 -3.71 -6.65 -11.55
C LEU B 56 -4.90 -6.15 -10.71
N ALA B 57 -5.95 -6.94 -10.60
CA ALA B 57 -7.13 -6.53 -9.82
C ALA B 57 -6.86 -6.22 -8.33
N THR B 58 -6.06 -7.07 -7.68
CA THR B 58 -5.68 -6.96 -6.27
C THR B 58 -4.91 -5.65 -6.02
N LEU B 59 -3.86 -5.46 -6.81
CA LEU B 59 -3.13 -4.22 -6.82
C LEU B 59 -4.09 -3.02 -7.02
N VAL B 60 -5.01 -3.10 -7.98
CA VAL B 60 -5.88 -1.96 -8.23
C VAL B 60 -6.77 -1.72 -7.01
N ALA B 61 -7.27 -2.78 -6.39
CA ALA B 61 -8.13 -2.57 -5.27
C ALA B 61 -7.35 -2.02 -4.06
N SER B 62 -6.14 -2.52 -3.82
CA SER B 62 -5.31 -1.99 -2.72
C SER B 62 -5.10 -0.50 -2.93
N ASN B 63 -4.73 -0.18 -4.16
CA ASN B 63 -4.45 1.19 -4.46
C ASN B 63 -5.65 2.07 -4.16
N ALA B 64 -6.85 1.56 -4.44
CA ALA B 64 -8.05 2.34 -4.23
C ALA B 64 -8.29 2.54 -2.75
N ALA B 65 -7.96 1.53 -1.96
CA ALA B 65 -8.04 1.67 -0.51
C ALA B 65 -7.18 2.83 -0.02
N ALA B 66 -5.94 2.90 -0.52
CA ALA B 66 -5.00 3.93 -0.06
C ALA B 66 -5.50 5.32 -0.46
N THR B 67 -5.80 5.50 -1.75
CA THR B 67 -6.26 6.80 -2.22
C THR B 67 -7.60 7.22 -1.64
N GLN B 68 -8.57 6.32 -1.39
CA GLN B 68 -9.78 6.73 -0.64
CA GLN B 68 -9.78 6.77 -0.65
C GLN B 68 -9.36 7.22 0.74
N ALA B 69 -8.39 6.52 1.34
CA ALA B 69 -7.97 6.91 2.68
C ALA B 69 -7.27 8.28 2.67
N LEU B 70 -6.57 8.64 1.60
CA LEU B 70 -5.92 9.97 1.52
C LEU B 70 -6.95 11.07 1.38
N ALA B 71 -7.90 10.84 0.48
CA ALA B 71 -9.06 11.70 0.35
C ALA B 71 -9.72 12.00 1.71
N LYS B 72 -10.11 10.95 2.43
CA LYS B 72 -10.81 11.12 3.70
C LYS B 72 -9.92 11.97 4.63
N LEU B 73 -8.62 11.72 4.59
CA LEU B 73 -7.70 12.44 5.45
C LEU B 73 -7.57 13.92 5.12
N LEU B 74 -8.04 14.34 3.95
CA LEU B 74 -8.04 15.72 3.57
C LEU B 74 -9.46 16.31 3.53
N GLY B 75 -10.38 15.67 4.25
CA GLY B 75 -11.77 16.13 4.21
C GLY B 75 -12.48 16.03 2.84
N GLU B 76 -12.09 15.05 2.03
CA GLU B 76 -12.66 14.87 0.67
C GLU B 76 -13.39 13.58 0.57
N ALA B 77 -14.45 13.59 -0.21
CA ALA B 77 -15.23 12.37 -0.47
C ALA B 77 -14.45 11.35 -1.30
N ARG B 78 -13.71 11.84 -2.31
CA ARG B 78 -12.99 11.05 -3.29
C ARG B 78 -12.10 11.95 -4.13
N PHE B 79 -11.08 11.41 -4.77
CA PHE B 79 -10.45 12.15 -5.84
C PHE B 79 -11.16 11.71 -7.09
N GLN B 80 -10.74 12.17 -8.25
CA GLN B 80 -11.43 11.74 -9.45
C GLN B 80 -10.87 10.43 -10.08
N GLU B 81 -11.30 10.10 -11.30
CA GLU B 81 -10.77 8.93 -12.00
C GLU B 81 -9.29 9.14 -12.25
N GLU B 82 -8.55 8.03 -12.29
CA GLU B 82 -7.09 8.02 -12.50
C GLU B 82 -6.72 7.47 -13.88
N VAL B 83 -5.72 8.07 -14.50
CA VAL B 83 -5.20 7.60 -15.76
C VAL B 83 -3.73 7.46 -15.51
N HIS B 84 -3.19 6.25 -15.54
CA HIS B 84 -1.75 6.11 -15.41
C HIS B 84 -1.16 5.82 -16.75
N GLN B 85 -0.05 6.47 -17.04
CA GLN B 85 0.51 6.37 -18.35
C GLN B 85 2.02 6.12 -18.25
N GLY B 86 2.51 5.15 -19.02
CA GLY B 86 3.96 4.94 -19.21
C GLY B 86 4.43 5.38 -20.59
N GLU B 87 5.61 4.91 -20.99
CA GLU B 87 6.08 5.11 -22.36
C GLU B 87 5.00 4.67 -23.37
N ARG B 88 4.45 3.45 -23.20
CA ARG B 88 3.48 2.86 -24.13
C ARG B 88 2.20 2.35 -23.47
N MET B 89 2.31 1.77 -22.28
CA MET B 89 1.12 1.19 -21.66
C MET B 89 0.39 2.16 -20.75
N GLY B 90 -0.92 1.98 -20.60
CA GLY B 90 -1.67 2.80 -19.67
C GLY B 90 -2.83 2.07 -19.02
N LEU B 91 -3.48 2.76 -18.09
CA LEU B 91 -4.46 2.17 -17.20
C LEU B 91 -5.40 3.28 -16.79
N TYR B 92 -6.71 2.99 -16.87
CA TYR B 92 -7.80 3.90 -16.57
C TYR B 92 -8.57 3.27 -15.44
N VAL B 93 -8.73 3.96 -14.33
CA VAL B 93 -9.51 3.39 -13.24
C VAL B 93 -10.65 4.34 -12.81
N ASP B 94 -11.85 3.80 -12.64
CA ASP B 94 -12.95 4.62 -12.23
C ASP B 94 -13.96 3.84 -11.44
N GLU B 95 -14.59 4.49 -10.49
CA GLU B 95 -15.58 3.84 -9.62
C GLU B 95 -16.78 3.55 -10.43
N ALA B 96 -17.27 2.33 -10.32
CA ALA B 96 -18.59 2.00 -10.84
C ALA B 96 -19.48 1.70 -9.67
N GLY B 97 -19.91 2.78 -9.00
CA GLY B 97 -20.75 2.72 -7.82
C GLY B 97 -19.91 2.54 -6.56
N GLU B 98 -20.61 2.38 -5.42
CA GLU B 98 -19.99 2.17 -4.12
C GLU B 98 -19.19 0.87 -4.08
N HIS B 99 -19.66 -0.20 -4.72
CA HIS B 99 -19.06 -1.49 -4.47
C HIS B 99 -18.13 -2.07 -5.53
N ALA B 100 -17.68 -1.27 -6.50
CA ALA B 100 -16.94 -1.78 -7.67
C ALA B 100 -16.19 -0.75 -8.52
N LEU B 101 -15.22 -1.26 -9.29
CA LEU B 101 -14.32 -0.42 -10.10
C LEU B 101 -14.25 -0.95 -11.53
N LEU B 102 -14.06 -0.04 -12.48
CA LEU B 102 -13.85 -0.45 -13.85
C LEU B 102 -12.43 -0.09 -14.26
N VAL B 103 -11.75 -1.04 -14.87
CA VAL B 103 -10.35 -0.87 -15.26
C VAL B 103 -10.19 -1.09 -16.77
N LEU B 104 -9.49 -0.21 -17.47
CA LEU B 104 -9.19 -0.47 -18.84
C LEU B 104 -7.68 -0.50 -19.02
N VAL B 105 -7.16 -1.45 -19.77
CA VAL B 105 -5.71 -1.45 -19.93
C VAL B 105 -5.48 -1.16 -21.39
N PHE B 106 -4.61 -0.23 -21.72
CA PHE B 106 -4.54 0.19 -23.11
C PHE B 106 -3.10 0.39 -23.57
N ASP B 107 -2.87 0.39 -24.88
CA ASP B 107 -1.56 0.78 -25.39
C ASP B 107 -1.57 2.08 -26.22
N GLU B 108 -0.41 2.41 -26.80
CA GLU B 108 -0.22 3.63 -27.58
C GLU B 108 -1.19 3.87 -28.76
N THR B 109 -1.83 2.83 -29.29
CA THR B 109 -2.83 2.99 -30.38
C THR B 109 -4.21 3.37 -29.86
N ALA B 110 -4.43 3.30 -28.54
CA ALA B 110 -5.73 3.70 -28.03
C ALA B 110 -5.69 5.22 -27.76
N PRO B 111 -6.49 5.99 -28.52
CA PRO B 111 -6.46 7.45 -28.28
C PRO B 111 -7.08 7.81 -26.89
N LEU B 112 -6.30 8.58 -26.11
CA LEU B 112 -6.60 8.83 -24.71
C LEU B 112 -7.97 9.43 -24.49
N GLY B 113 -8.36 10.32 -25.41
CA GLY B 113 -9.64 11.03 -25.36
C GLY B 113 -10.79 10.05 -25.40
N LYS B 114 -10.66 9.03 -26.23
CA LYS B 114 -11.69 8.02 -26.35
C LYS B 114 -11.73 7.16 -25.07
N VAL B 115 -10.55 6.76 -24.62
CA VAL B 115 -10.38 6.04 -23.35
C VAL B 115 -11.17 6.70 -22.18
N LYS B 116 -11.01 8.02 -22.02
CA LYS B 116 -11.62 8.74 -20.90
C LYS B 116 -13.14 8.85 -21.05
N LEU B 117 -13.58 9.16 -22.28
CA LEU B 117 -15.01 9.36 -22.58
C LEU B 117 -15.82 8.07 -22.37
N HIS B 118 -15.33 6.98 -22.96
CA HIS B 118 -16.03 5.69 -22.93
C HIS B 118 -15.82 5.02 -21.60
N GLY B 119 -14.63 5.28 -21.05
CA GLY B 119 -14.29 4.89 -19.70
C GLY B 119 -15.36 5.33 -18.76
N LYS B 120 -15.72 6.62 -18.81
CA LYS B 120 -16.64 7.24 -17.87
C LYS B 120 -18.02 6.64 -18.04
N ALA B 121 -18.44 6.46 -19.31
CA ALA B 121 -19.78 5.93 -19.63
C ALA B 121 -19.93 4.49 -19.18
N ALA B 122 -18.91 3.65 -19.44
CA ALA B 122 -18.90 2.23 -18.95
C ALA B 122 -19.09 2.15 -17.44
N ALA B 123 -18.30 2.94 -16.72
CA ALA B 123 -18.41 3.04 -15.26
C ALA B 123 -19.85 3.32 -14.78
N ALA B 124 -20.48 4.34 -15.36
CA ALA B 124 -21.89 4.69 -15.11
C ALA B 124 -22.85 3.53 -15.44
N ALA B 125 -22.69 2.99 -16.66
CA ALA B 125 -23.42 1.79 -17.08
C ALA B 125 -23.24 0.62 -16.09
N LEU B 126 -21.99 0.34 -15.72
CA LEU B 126 -21.72 -0.80 -14.87
C LEU B 126 -22.25 -0.59 -13.45
N ALA B 127 -22.22 0.68 -13.02
CA ALA B 127 -22.74 1.06 -11.73
C ALA B 127 -24.20 0.67 -11.62
N ALA B 128 -24.95 0.97 -12.70
CA ALA B 128 -26.39 0.74 -12.76
C ALA B 128 -26.70 -0.73 -12.82
N ILE B 129 -25.98 -1.48 -13.65
CA ILE B 129 -26.13 -2.93 -13.59
C ILE B 129 -25.87 -3.49 -12.16
N ALA B 130 -24.83 -3.01 -11.47
CA ALA B 130 -24.51 -3.53 -10.13
C ALA B 130 -25.59 -3.24 -9.09
N GLU B 131 -26.19 -2.04 -9.17
CA GLU B 131 -27.25 -1.62 -8.26
C GLU B 131 -28.53 -2.46 -8.47
N GLU B 132 -29.02 -2.46 -9.71
CA GLU B 132 -30.17 -3.28 -10.10
C GLU B 132 -29.86 -4.77 -10.02
N ALA B 133 -28.74 -5.15 -9.42
CA ALA B 133 -28.50 -6.55 -9.15
C ALA B 133 -28.53 -6.77 -7.63
N LEU B 134 -29.23 -5.88 -6.93
CA LEU B 134 -29.45 -6.08 -5.49
C LEU B 134 -30.91 -5.92 -5.04
N SER C 2 19.57 1.44 3.99
CA SER C 2 18.87 2.61 4.57
C SER C 2 19.15 3.91 3.81
N LEU C 3 18.81 5.04 4.43
CA LEU C 3 19.07 6.39 3.90
C LEU C 3 19.32 7.41 5.06
N VAL C 4 20.58 7.48 5.54
CA VAL C 4 20.98 8.51 6.52
C VAL C 4 20.86 9.95 5.96
N LEU C 5 19.77 10.63 6.33
CA LEU C 5 19.64 12.03 5.97
C LEU C 5 19.97 12.96 7.12
N TYR C 6 21.26 13.16 7.37
CA TYR C 6 21.69 14.08 8.41
C TYR C 6 22.44 15.30 7.81
N GLY C 7 22.78 16.27 8.67
CA GLY C 7 23.85 17.22 8.39
C GLY C 7 23.51 18.24 7.34
N ALA C 8 24.45 18.43 6.41
CA ALA C 8 24.30 19.41 5.32
C ALA C 8 23.27 19.00 4.25
N PRO C 9 23.17 17.69 3.93
CA PRO C 9 22.06 17.25 3.08
C PRO C 9 20.69 17.60 3.64
N TYR C 10 20.48 17.35 4.93
CA TYR C 10 19.21 17.64 5.54
C TYR C 10 18.82 19.13 5.42
N ALA C 11 19.83 20.00 5.56
CA ALA C 11 19.63 21.44 5.57
C ALA C 11 19.30 21.88 4.14
N ALA C 12 20.02 21.31 3.17
CA ALA C 12 19.74 21.53 1.75
C ALA C 12 18.32 21.07 1.42
N ALA C 13 17.97 19.85 1.79
CA ALA C 13 16.63 19.34 1.62
C ALA C 13 15.53 20.27 2.14
N VAL C 14 15.70 20.80 3.36
CA VAL C 14 14.72 21.69 3.98
C VAL C 14 14.62 22.98 3.17
N GLU C 15 15.77 23.45 2.68
CA GLU C 15 15.83 24.67 1.85
C GLU C 15 15.03 24.50 0.56
N VAL C 16 15.22 23.39 -0.13
CA VAL C 16 14.37 23.07 -1.30
C VAL C 16 12.86 22.99 -0.97
N LEU C 17 12.50 22.58 0.25
CA LEU C 17 11.10 22.42 0.62
C LEU C 17 10.41 23.75 0.92
N GLU C 18 11.13 24.66 1.57
CA GLU C 18 10.63 26.00 1.87
C GLU C 18 10.50 26.81 0.59
N GLU C 19 11.51 26.73 -0.27
CA GLU C 19 11.47 27.41 -1.54
C GLU C 19 10.27 26.91 -2.35
N THR C 20 10.07 25.60 -2.34
CA THR C 20 8.96 25.03 -3.06
C THR C 20 7.59 25.51 -2.55
N LEU C 21 7.43 25.62 -1.23
CA LEU C 21 6.20 26.19 -0.67
C LEU C 21 5.96 27.67 -1.07
N ARG C 22 7.03 28.46 -1.16
CA ARG C 22 6.94 29.81 -1.58
C ARG C 22 6.50 29.88 -3.04
N GLU C 23 7.25 29.26 -3.94
CA GLU C 23 6.92 29.26 -5.36
C GLU C 23 5.55 28.66 -5.74
N THR C 24 4.97 27.78 -4.94
CA THR C 24 3.82 27.05 -5.43
C THR C 24 2.53 27.40 -4.76
N GLY C 25 2.59 27.94 -3.54
CA GLY C 25 1.34 28.22 -2.83
C GLY C 25 0.79 27.01 -2.13
N ALA C 26 1.55 25.91 -2.15
CA ALA C 26 1.18 24.64 -1.46
C ALA C 26 1.07 24.84 0.05
N ARG C 27 0.33 23.98 0.77
CA ARG C 27 0.29 24.02 2.23
C ARG C 27 1.45 23.24 2.93
N TYR C 28 1.66 21.98 2.53
CA TYR C 28 2.66 21.11 3.17
C TYR C 28 3.59 20.48 2.15
N ALA C 29 4.89 20.43 2.44
CA ALA C 29 5.86 19.71 1.61
C ALA C 29 6.64 18.66 2.41
N LEU C 30 6.72 17.44 1.90
CA LEU C 30 7.49 16.38 2.57
C LEU C 30 8.46 15.71 1.65
N LEU C 31 9.58 15.25 2.19
CA LEU C 31 10.41 14.30 1.53
C LEU C 31 10.28 13.02 2.28
N ILE C 32 9.76 11.99 1.61
CA ILE C 32 9.62 10.70 2.28
C ILE C 32 10.40 9.63 1.59
N ASP C 33 10.72 8.56 2.31
CA ASP C 33 11.29 7.46 1.57
C ASP C 33 10.24 6.48 1.22
N ARG C 34 10.59 5.59 0.32
CA ARG C 34 9.66 4.65 -0.22
C ARG C 34 9.21 3.65 0.80
N LYS C 35 9.99 3.43 1.85
CA LYS C 35 9.52 2.65 3.00
C LYS C 35 8.40 3.31 3.75
N GLY C 36 8.29 4.62 3.71
CA GLY C 36 7.26 5.37 4.45
C GLY C 36 7.74 6.41 5.47
N PHE C 37 9.04 6.57 5.59
CA PHE C 37 9.62 7.36 6.67
C PHE C 37 9.73 8.80 6.26
N VAL C 38 9.18 9.69 7.13
CA VAL C 38 9.25 11.12 6.89
C VAL C 38 10.67 11.52 7.16
N LEU C 39 11.39 12.00 6.13
CA LEU C 39 12.76 12.46 6.25
C LEU C 39 12.90 13.97 6.53
N ALA C 40 12.04 14.77 5.90
CA ALA C 40 12.03 16.22 6.11
C ALA C 40 10.65 16.73 5.77
N HIS C 41 10.19 17.78 6.44
CA HIS C 41 8.88 18.35 6.20
C HIS C 41 8.80 19.84 6.56
N LYS C 42 7.92 20.59 5.89
CA LYS C 42 7.73 22.01 6.20
C LYS C 42 6.34 22.41 5.89
N GLU C 43 5.81 23.34 6.68
CA GLU C 43 4.42 23.82 6.59
C GLU C 43 4.42 25.27 6.17
N ALA C 44 3.40 25.71 5.44
CA ALA C 44 3.33 27.12 5.09
C ALA C 44 2.93 27.74 6.42
N LEU C 45 3.69 28.74 6.84
CA LEU C 45 3.35 29.49 8.06
C LEU C 45 1.85 29.83 8.12
N TRP C 46 1.27 30.25 6.98
CA TRP C 46 -0.11 30.70 6.92
C TRP C 46 -1.13 29.59 7.05
N ALA C 47 -0.64 28.35 6.97
CA ALA C 47 -1.52 27.18 6.77
C ALA C 47 -2.02 26.59 8.07
N PRO C 48 -3.24 26.03 8.09
CA PRO C 48 -3.62 25.34 9.35
C PRO C 48 -2.61 24.20 9.74
N LYS C 49 -2.70 23.71 10.97
CA LYS C 49 -2.08 22.44 11.36
C LYS C 49 -2.40 21.32 10.32
N PRO C 50 -1.37 20.55 9.90
CA PRO C 50 -1.61 19.48 8.92
C PRO C 50 -2.19 18.24 9.56
N PRO C 51 -2.76 17.33 8.77
CA PRO C 51 -3.17 16.05 9.34
C PRO C 51 -1.94 15.18 9.72
N PRO C 52 -2.13 14.07 10.49
CA PRO C 52 -0.87 13.47 10.98
C PRO C 52 0.11 13.10 9.86
N LEU C 53 1.25 13.76 9.82
CA LEU C 53 2.22 13.53 8.76
C LEU C 53 2.66 12.07 8.56
N ASP C 54 2.73 11.28 9.63
CA ASP C 54 3.07 9.85 9.48
C ASP C 54 1.98 9.07 8.75
N THR C 55 0.72 9.26 9.13
CA THR C 55 -0.37 8.68 8.37
C THR C 55 -0.24 9.07 6.89
N LEU C 56 -0.08 10.35 6.61
CA LEU C 56 -0.02 10.81 5.26
C LEU C 56 1.16 10.15 4.54
N ALA C 57 2.29 9.99 5.22
CA ALA C 57 3.42 9.44 4.53
C ALA C 57 3.30 7.93 4.26
N THR C 58 2.64 7.14 5.12
CA THR C 58 2.50 5.68 4.82
C THR C 58 1.54 5.48 3.65
N LEU C 59 0.48 6.26 3.65
CA LEU C 59 -0.50 6.20 2.60
C LEU C 59 0.09 6.51 1.24
N VAL C 60 0.83 7.61 1.15
CA VAL C 60 1.52 7.95 -0.09
C VAL C 60 2.65 6.96 -0.51
N ALA C 61 3.36 6.35 0.45
CA ALA C 61 4.38 5.41 0.09
C ALA C 61 3.65 4.26 -0.51
N SER C 62 2.54 3.84 0.09
CA SER C 62 1.92 2.59 -0.33
C SER C 62 1.15 2.74 -1.65
N ASN C 63 0.68 3.95 -1.93
CA ASN C 63 0.10 4.34 -3.16
C ASN C 63 1.20 4.35 -4.27
N ALA C 64 2.38 4.84 -3.92
CA ALA C 64 3.46 4.81 -4.89
C ALA C 64 3.94 3.41 -5.16
N ALA C 65 3.83 2.55 -4.16
CA ALA C 65 4.40 1.24 -4.26
C ALA C 65 3.45 0.41 -5.13
N ALA C 66 2.16 0.55 -4.85
CA ALA C 66 1.15 -0.18 -5.59
C ALA C 66 1.10 0.26 -7.05
N THR C 67 1.27 1.55 -7.37
CA THR C 67 1.17 1.95 -8.77
C THR C 67 2.43 1.59 -9.50
N GLN C 68 3.56 1.67 -8.82
CA GLN C 68 4.77 1.12 -9.41
C GLN C 68 4.72 -0.42 -9.63
N ALA C 69 4.06 -1.17 -8.75
CA ALA C 69 3.87 -2.60 -9.01
C ALA C 69 3.06 -2.83 -10.32
N LEU C 70 2.04 -1.99 -10.58
CA LEU C 70 1.23 -2.10 -11.76
C LEU C 70 1.97 -1.64 -13.03
N ALA C 71 2.80 -0.63 -12.92
CA ALA C 71 3.60 -0.24 -14.07
C ALA C 71 4.48 -1.43 -14.48
N LYS C 72 5.18 -1.97 -13.50
CA LYS C 72 6.04 -3.17 -13.64
C LYS C 72 5.27 -4.33 -14.29
N LEU C 73 4.07 -4.63 -13.82
CA LEU C 73 3.40 -5.71 -14.49
C LEU C 73 2.82 -5.35 -15.85
N LEU C 74 2.76 -4.08 -16.18
CA LEU C 74 2.50 -3.74 -17.56
C LEU C 74 3.77 -3.57 -18.43
N GLY C 75 4.95 -3.96 -17.98
CA GLY C 75 6.13 -3.83 -18.85
C GLY C 75 6.87 -2.50 -18.75
N GLU C 76 6.33 -1.58 -17.96
CA GLU C 76 6.84 -0.21 -17.81
C GLU C 76 7.74 -0.02 -16.62
N ALA C 77 8.85 0.72 -16.80
CA ALA C 77 9.69 1.10 -15.65
C ALA C 77 8.91 1.92 -14.61
N ARG C 78 8.07 2.85 -15.07
CA ARG C 78 7.35 3.71 -14.15
CA ARG C 78 7.40 3.77 -14.17
C ARG C 78 6.17 4.40 -14.83
N PHE C 79 5.21 4.82 -14.00
CA PHE C 79 4.15 5.72 -14.47
C PHE C 79 4.65 7.18 -14.30
N GLN C 80 3.88 8.14 -14.80
CA GLN C 80 4.25 9.52 -14.60
C GLN C 80 3.93 10.01 -13.17
N GLU C 81 4.38 11.20 -12.81
CA GLU C 81 4.05 11.79 -11.52
C GLU C 81 2.56 11.83 -11.30
N GLU C 82 2.11 11.64 -10.07
CA GLU C 82 0.68 11.65 -9.80
C GLU C 82 0.16 12.97 -9.20
N VAL C 83 -0.99 13.40 -9.69
CA VAL C 83 -1.78 14.44 -9.06
C VAL C 83 -3.13 13.84 -8.69
N HIS C 84 -3.49 13.92 -7.40
CA HIS C 84 -4.83 13.59 -6.96
C HIS C 84 -5.56 14.87 -6.63
N GLN C 85 -6.81 14.95 -7.11
CA GLN C 85 -7.58 16.18 -7.15
C GLN C 85 -8.97 16.01 -6.56
N GLY C 86 -9.24 16.66 -5.45
CA GLY C 86 -10.61 16.75 -4.92
C GLY C 86 -11.28 18.05 -5.33
N GLU C 87 -12.44 18.31 -4.74
CA GLU C 87 -13.19 19.56 -4.99
C GLU C 87 -12.35 20.78 -4.54
N ARG C 88 -11.61 20.64 -3.42
CA ARG C 88 -10.77 21.74 -2.90
C ARG C 88 -9.28 21.35 -2.73
N MET C 89 -9.06 20.28 -1.96
CA MET C 89 -7.73 19.74 -1.62
C MET C 89 -7.07 18.86 -2.73
N GLY C 90 -5.73 18.89 -2.83
CA GLY C 90 -5.00 18.01 -3.79
C GLY C 90 -3.60 17.56 -3.33
N LEU C 91 -3.07 16.49 -3.93
CA LEU C 91 -1.69 16.02 -3.65
C LEU C 91 -0.90 15.94 -4.91
N TYR C 92 0.37 16.28 -4.86
CA TYR C 92 1.28 16.04 -5.96
C TYR C 92 2.42 15.23 -5.41
N VAL C 93 2.64 14.06 -6.05
CA VAL C 93 3.68 13.09 -5.68
C VAL C 93 4.58 12.79 -6.87
N ASP C 94 5.88 12.90 -6.70
CA ASP C 94 6.80 12.62 -7.77
C ASP C 94 8.09 11.97 -7.21
N GLU C 95 8.97 11.52 -8.09
CA GLU C 95 10.11 10.73 -7.64
C GLU C 95 11.28 11.62 -7.31
N ALA C 96 11.83 11.43 -6.12
CA ALA C 96 13.06 12.07 -5.69
C ALA C 96 14.17 11.03 -5.76
N GLY C 97 14.55 10.67 -6.97
CA GLY C 97 15.45 9.54 -7.18
C GLY C 97 14.75 8.21 -6.90
N GLU C 98 15.52 7.14 -6.82
CA GLU C 98 14.97 5.79 -6.73
C GLU C 98 14.50 5.38 -5.34
N HIS C 99 14.90 6.14 -4.32
CA HIS C 99 14.59 5.84 -2.93
C HIS C 99 13.64 6.81 -2.23
N ALA C 100 13.25 7.90 -2.89
CA ALA C 100 12.41 8.84 -2.19
C ALA C 100 11.31 9.48 -3.02
N LEU C 101 10.44 10.19 -2.34
CA LEU C 101 9.30 10.78 -2.97
C LEU C 101 9.21 12.21 -2.48
N LEU C 102 8.85 13.12 -3.40
CA LEU C 102 8.39 14.46 -3.04
C LEU C 102 6.88 14.45 -2.87
N VAL C 103 6.39 14.89 -1.71
CA VAL C 103 4.95 15.07 -1.56
C VAL C 103 4.65 16.55 -1.35
N LEU C 104 3.70 17.11 -2.11
CA LEU C 104 3.15 18.44 -1.81
C LEU C 104 1.63 18.38 -1.54
N VAL C 105 1.16 18.94 -0.42
CA VAL C 105 -0.29 19.03 -0.23
C VAL C 105 -0.77 20.47 -0.48
N PHE C 106 -1.80 20.60 -1.30
CA PHE C 106 -2.27 21.92 -1.71
C PHE C 106 -3.77 22.05 -1.72
N ASP C 107 -4.25 23.30 -1.84
CA ASP C 107 -5.68 23.62 -1.79
C ASP C 107 -6.12 24.47 -2.97
N GLU C 108 -7.35 24.97 -2.89
CA GLU C 108 -7.93 25.78 -3.99
C GLU C 108 -7.18 27.10 -4.29
N THR C 109 -6.34 27.56 -3.37
CA THR C 109 -5.63 28.82 -3.55
C THR C 109 -4.39 28.69 -4.44
N ALA C 110 -3.89 27.45 -4.57
CA ALA C 110 -2.65 27.19 -5.30
C ALA C 110 -2.85 26.81 -6.78
N PRO C 111 -2.31 27.62 -7.69
CA PRO C 111 -2.40 27.35 -9.14
C PRO C 111 -1.69 26.02 -9.60
N LEU C 112 -2.50 25.00 -9.92
CA LEU C 112 -2.01 23.66 -10.27
C LEU C 112 -0.80 23.67 -11.22
N GLY C 113 -0.84 24.53 -12.23
CA GLY C 113 0.28 24.67 -13.16
C GLY C 113 1.59 24.92 -12.47
N LYS C 114 1.61 25.83 -11.47
CA LYS C 114 2.87 26.09 -10.73
C LYS C 114 3.26 24.92 -9.80
N VAL C 115 2.27 24.26 -9.17
CA VAL C 115 2.50 23.02 -8.45
C VAL C 115 3.32 22.00 -9.23
N LYS C 116 2.91 21.74 -10.48
CA LYS C 116 3.59 20.71 -11.29
C LYS C 116 4.96 21.18 -11.71
N LEU C 117 5.04 22.43 -12.13
CA LEU C 117 6.26 22.97 -12.70
C LEU C 117 7.36 23.05 -11.65
N HIS C 118 7.02 23.58 -10.48
CA HIS C 118 7.95 23.59 -9.36
C HIS C 118 7.97 22.26 -8.59
N GLY C 119 6.85 21.54 -8.60
CA GLY C 119 6.85 20.18 -8.08
C GLY C 119 7.95 19.34 -8.71
N LYS C 120 7.96 19.34 -10.04
CA LYS C 120 8.98 18.70 -10.80
C LYS C 120 10.37 19.25 -10.49
N ALA C 121 10.55 20.56 -10.55
CA ALA C 121 11.88 21.13 -10.22
C ALA C 121 12.38 20.66 -8.85
N ALA C 122 11.47 20.58 -7.88
CA ALA C 122 11.83 20.27 -6.53
C ALA C 122 12.30 18.82 -6.42
N ALA C 123 11.60 17.96 -7.18
CA ALA C 123 11.86 16.50 -7.17
C ALA C 123 13.26 16.25 -7.66
N ALA C 124 13.62 16.88 -8.77
CA ALA C 124 14.95 16.71 -9.31
C ALA C 124 16.02 17.27 -8.37
N ALA C 125 15.74 18.37 -7.67
CA ALA C 125 16.72 18.91 -6.72
C ALA C 125 16.97 17.95 -5.56
N LEU C 126 15.89 17.32 -5.06
CA LEU C 126 15.97 16.36 -3.97
C LEU C 126 16.60 15.02 -4.36
N ALA C 127 16.36 14.58 -5.59
CA ALA C 127 17.10 13.43 -6.15
C ALA C 127 18.57 13.67 -6.02
N ALA C 128 18.99 14.87 -6.41
CA ALA C 128 20.40 15.27 -6.37
C ALA C 128 20.99 15.23 -4.95
N ILE C 129 20.22 15.66 -3.96
CA ILE C 129 20.61 15.61 -2.55
C ILE C 129 20.55 14.18 -2.00
N ALA C 130 19.47 13.46 -2.30
CA ALA C 130 19.40 12.05 -1.95
C ALA C 130 20.56 11.24 -2.51
N GLU C 131 21.00 11.46 -3.75
CA GLU C 131 22.08 10.61 -4.28
C GLU C 131 23.40 10.84 -3.53
N GLU C 132 23.59 12.07 -3.07
CA GLU C 132 24.77 12.39 -2.26
C GLU C 132 24.71 11.87 -0.84
N ALA C 133 23.58 11.32 -0.42
CA ALA C 133 23.43 10.85 0.95
C ALA C 133 23.08 9.36 1.12
N LEU C 134 23.04 8.62 0.01
CA LEU C 134 22.86 7.17 0.09
C LEU C 134 24.16 6.48 0.54
PG GNP D . -5.81 -11.21 8.09
O1G GNP D . -4.54 -11.62 7.42
O2G GNP D . -7.05 -11.62 7.19
O3G GNP D . -5.94 -9.61 8.25
N3B GNP D . -6.10 -11.86 9.56
PB GNP D . -5.24 -11.33 10.90
O1B GNP D . -4.04 -12.18 11.08
O2B GNP D . -5.06 -9.86 10.94
O3A GNP D . -6.31 -11.87 12.09
PA GNP D . -7.14 -10.81 13.05
O1A GNP D . -8.23 -10.03 12.39
O2A GNP D . -6.09 -10.10 13.78
O5' GNP D . -7.88 -11.82 14.03
C5' GNP D . -8.74 -12.78 13.45
C4' GNP D . -9.74 -13.29 14.47
O4' GNP D . -9.00 -14.10 15.43
C3' GNP D . -10.51 -12.26 15.34
O3' GNP D . -11.72 -12.91 15.73
C2' GNP D . -9.60 -12.15 16.54
O2' GNP D . -10.29 -11.69 17.67
C1' GNP D . -9.39 -13.62 16.76
N9 GNP D . -8.23 -13.86 17.59
C8 GNP D . -7.07 -13.21 17.44
N7 GNP D . -6.19 -13.68 18.32
C5 GNP D . -6.80 -14.65 19.02
C6 GNP D . -6.34 -15.45 20.06
O6 GNP D . -5.17 -15.37 20.46
N1 GNP D . -7.23 -16.39 20.59
C2 GNP D . -8.53 -16.50 20.09
N2 GNP D . -9.35 -17.41 20.64
N3 GNP D . -8.95 -15.69 19.08
C4 GNP D . -8.10 -14.76 18.55
MG MG E . -5.32 -8.39 9.51
#